data_6KPQ
#
_entry.id   6KPQ
#
_cell.length_a   42.586
_cell.length_b   42.586
_cell.length_c   214.180
_cell.angle_alpha   90.000
_cell.angle_beta   90.000
_cell.angle_gamma   90.000
#
_symmetry.space_group_name_H-M   'P 43 2 2'
#
loop_
_entity.id
_entity.type
_entity.pdbx_description
1 polymer 'Serine protease subunit NS2B'
2 polymer 'NS3 protease'
3 non-polymer 1-[(10~{R},17~{S},20~{S})-17,20-bis(4-azanylbutyl)-4,9,16,19,22-pentakis(oxidanylidene)-3,8,15,18,21-pentazabicyclo[22.3.1]octacosa-1(27),24(28),25-trien-10-yl]guanidine
4 water water
#
loop_
_entity_poly.entity_id
_entity_poly.type
_entity_poly.pdbx_seq_one_letter_code
_entity_poly.pdbx_strand_id
1 'polypeptide(L)' MTGKSVDMYIERAGDITWEKDAEVTGNSPRLDVALDESGDFSLVEEDGPPMRE A
2 'polypeptide(L)'
;GSGALWDVPAPKEVKKGETTDGVYRVMTRRLLGSTQVGVGVMQEGVFHTMWHVTKGAALRSGEGRLDPYWGDVKQDLVSY
CGPWKLDAAWDGLSEVQLLAVPPGERAKNIQTLPGIFKTKDGDIGAVALDYPAGTSGSPILDKCGRVIGLYGNGVVIKNG
SYVSAITQGKREEETPVE
;
B
#
# COMPACT_ATOMS: atom_id res chain seq x y z
N ASP A 7 10.32 -6.82 -17.24
CA ASP A 7 11.19 -6.66 -16.09
C ASP A 7 10.88 -5.37 -15.34
N MET A 8 10.72 -5.49 -14.03
CA MET A 8 10.36 -4.39 -13.16
C MET A 8 11.56 -4.05 -12.29
N TYR A 9 11.76 -2.76 -12.05
CA TYR A 9 12.82 -2.25 -11.20
C TYR A 9 12.21 -1.29 -10.19
N ILE A 10 12.92 -1.08 -9.07
CA ILE A 10 12.49 -0.19 -7.98
C ILE A 10 13.48 0.96 -7.86
N GLU A 11 12.97 2.15 -7.52
CA GLU A 11 13.77 3.35 -7.26
C GLU A 11 13.15 4.12 -6.10
N ARG A 12 13.99 4.66 -5.22
CA ARG A 12 13.56 5.20 -3.94
C ARG A 12 12.83 6.53 -4.10
N ALA A 13 11.78 6.75 -3.28
CA ALA A 13 10.94 7.97 -3.38
C ALA A 13 10.82 8.78 -2.10
N GLY A 14 11.20 8.25 -0.95
CA GLY A 14 11.22 9.05 0.25
C GLY A 14 11.49 8.21 1.48
N ASP A 15 11.63 8.92 2.60
CA ASP A 15 11.59 8.31 3.92
C ASP A 15 10.14 8.04 4.33
N ILE A 16 9.98 7.33 5.45
CA ILE A 16 8.66 7.04 6.01
C ILE A 16 8.54 7.78 7.33
N THR A 17 7.77 8.86 7.33
CA THR A 17 7.65 9.78 8.46
C THR A 17 6.28 10.42 8.42
N TRP A 18 5.79 10.77 9.60
CA TRP A 18 4.50 11.46 9.70
C TRP A 18 4.67 12.97 9.46
N GLU A 19 3.82 13.53 8.58
CA GLU A 19 3.87 14.94 8.22
C GLU A 19 2.95 15.79 9.09
N LYS A 20 3.55 16.60 9.97
CA LYS A 20 2.66 17.36 10.83
C LYS A 20 1.89 18.44 10.08
N ASP A 21 2.30 18.81 8.86
CA ASP A 21 1.59 19.82 8.06
C ASP A 21 0.74 19.21 6.95
N ALA A 22 0.28 17.97 7.12
CA ALA A 22 -0.38 17.27 6.01
C ALA A 22 -1.76 17.86 5.71
N GLU A 23 -2.15 17.74 4.44
CA GLU A 23 -3.53 17.98 4.05
C GLU A 23 -4.41 16.87 4.64
N VAL A 24 -5.49 17.29 5.31
CA VAL A 24 -6.42 16.35 5.94
C VAL A 24 -7.63 16.24 5.02
N THR A 25 -8.05 15.01 4.71
CA THR A 25 -9.21 14.84 3.83
C THR A 25 -9.68 13.40 3.88
N GLY A 26 -10.89 13.16 3.36
CA GLY A 26 -11.45 11.83 3.35
C GLY A 26 -12.34 11.53 4.53
N ASN A 27 -13.54 11.04 4.26
CA ASN A 27 -14.49 10.68 5.32
C ASN A 27 -14.06 9.35 5.95
N SER A 28 -14.96 8.75 6.76
CA SER A 28 -14.70 7.49 7.46
C SER A 28 -15.95 6.60 7.30
N PRO A 29 -16.13 6.04 6.12
CA PRO A 29 -17.34 5.25 5.88
C PRO A 29 -17.18 3.85 6.45
N ARG A 30 -18.29 3.23 6.80
CA ARG A 30 -18.26 1.78 7.07
C ARG A 30 -19.07 1.06 6.01
N LEU A 31 -18.43 0.06 5.42
CA LEU A 31 -18.94 -0.69 4.29
C LEU A 31 -18.97 -2.15 4.69
N ASP A 32 -20.02 -2.85 4.27
CA ASP A 32 -20.09 -4.31 4.38
C ASP A 32 -19.53 -4.92 3.09
N VAL A 33 -18.38 -5.61 3.22
CA VAL A 33 -17.60 -6.08 2.09
C VAL A 33 -17.29 -7.56 2.24
N ALA A 34 -16.93 -8.18 1.10
CA ALA A 34 -16.55 -9.58 0.98
C ALA A 34 -15.19 -9.68 0.32
N LEU A 35 -14.34 -10.56 0.85
CA LEU A 35 -13.00 -10.76 0.32
C LEU A 35 -12.96 -12.14 -0.36
N ASP A 36 -13.02 -12.13 -1.69
CA ASP A 36 -13.06 -13.38 -2.45
C ASP A 36 -11.69 -14.05 -2.48
N GLU A 37 -11.67 -15.26 -3.07
CA GLU A 37 -10.45 -16.07 -3.12
C GLU A 37 -9.33 -15.39 -3.91
N SER A 38 -9.63 -14.42 -4.76
CA SER A 38 -8.59 -13.76 -5.56
C SER A 38 -8.19 -12.38 -5.01
N GLY A 39 -8.55 -12.08 -3.76
CA GLY A 39 -8.07 -10.86 -3.14
C GLY A 39 -8.82 -9.62 -3.56
N ASP A 40 -10.02 -9.78 -4.09
CA ASP A 40 -10.85 -8.69 -4.58
C ASP A 40 -11.97 -8.44 -3.57
N PHE A 41 -12.00 -7.23 -3.01
CA PHE A 41 -13.11 -6.80 -2.16
C PHE A 41 -14.32 -6.43 -3.02
N SER A 42 -15.51 -6.85 -2.56
CA SER A 42 -16.78 -6.57 -3.20
C SER A 42 -17.73 -5.99 -2.17
N LEU A 43 -18.76 -5.30 -2.64
CA LEU A 43 -19.72 -4.65 -1.76
C LEU A 43 -20.87 -5.60 -1.45
N VAL A 44 -21.32 -5.59 -0.20
CA VAL A 44 -22.40 -6.48 0.21
C VAL A 44 -23.67 -5.68 0.52
N GLU B 18 20.39 -0.69 -3.54
CA GLU B 18 19.69 0.11 -2.54
C GLU B 18 18.73 -0.74 -1.71
N THR B 19 19.04 -0.94 -0.42
CA THR B 19 18.08 -1.53 0.51
C THR B 19 17.88 -0.66 1.74
N THR B 20 18.25 0.62 1.67
CA THR B 20 17.98 1.54 2.78
C THR B 20 16.48 1.55 3.07
N ASP B 21 16.13 1.47 4.35
CA ASP B 21 14.72 1.59 4.72
C ASP B 21 14.10 2.83 4.05
N GLY B 22 12.84 2.71 3.65
CA GLY B 22 12.12 3.83 3.06
C GLY B 22 11.10 3.34 2.05
N VAL B 23 10.45 4.31 1.37
CA VAL B 23 9.41 4.05 0.38
C VAL B 23 10.01 4.09 -1.02
N TYR B 24 9.58 3.19 -1.89
CA TYR B 24 10.15 3.06 -3.23
C TYR B 24 9.06 2.96 -4.29
N ARG B 25 9.40 3.42 -5.49
CA ARG B 25 8.51 3.23 -6.63
C ARG B 25 8.86 1.93 -7.34
N VAL B 26 7.83 1.25 -7.87
CA VAL B 26 8.02 0.06 -8.69
C VAL B 26 7.73 0.44 -10.14
N MET B 27 8.77 0.45 -10.96
CA MET B 27 8.69 0.87 -12.36
C MET B 27 8.80 -0.35 -13.28
N THR B 28 8.55 -0.11 -14.57
CA THR B 28 8.69 -1.13 -15.60
C THR B 28 8.94 -0.42 -16.93
N ARG B 29 9.35 -1.21 -17.95
CA ARG B 29 9.53 -0.63 -19.28
C ARG B 29 8.91 -1.46 -20.40
N ARG B 30 8.12 -2.50 -20.08
CA ARG B 30 7.45 -3.30 -21.09
C ARG B 30 6.35 -2.55 -21.82
N LEU B 31 6.08 -1.28 -21.44
CA LEU B 31 5.14 -0.43 -22.16
C LEU B 31 5.85 0.89 -22.48
N LEU B 32 5.05 1.93 -22.69
CA LEU B 32 5.53 3.16 -23.31
C LEU B 32 6.33 3.99 -22.31
N GLY B 33 7.65 3.91 -22.41
CA GLY B 33 8.54 4.62 -21.50
C GLY B 33 8.62 3.95 -20.14
N SER B 34 9.09 4.72 -19.17
CA SER B 34 9.10 4.29 -17.78
C SER B 34 7.73 4.53 -17.18
N THR B 35 7.17 3.50 -16.56
CA THR B 35 5.79 3.50 -16.09
C THR B 35 5.73 3.00 -14.65
N GLN B 36 5.25 3.84 -13.74
CA GLN B 36 5.08 3.43 -12.34
C GLN B 36 3.85 2.53 -12.23
N VAL B 37 4.08 1.25 -11.85
CA VAL B 37 2.99 0.29 -11.66
C VAL B 37 2.58 0.15 -10.20
N GLY B 38 3.33 0.75 -9.28
CA GLY B 38 3.01 0.62 -7.88
C GLY B 38 4.12 1.17 -7.02
N VAL B 39 3.95 0.96 -5.72
CA VAL B 39 4.79 1.54 -4.68
C VAL B 39 5.14 0.41 -3.72
N GLY B 40 6.19 0.62 -2.92
CA GLY B 40 6.44 -0.34 -1.85
C GLY B 40 7.30 0.23 -0.75
N VAL B 41 7.39 -0.52 0.36
CA VAL B 41 8.24 -0.08 1.48
C VAL B 41 9.32 -1.11 1.72
N MET B 42 10.50 -0.60 2.07
CA MET B 42 11.67 -1.39 2.35
C MET B 42 12.01 -1.23 3.82
N GLN B 43 12.04 -2.34 4.54
CA GLN B 43 12.27 -2.29 5.97
C GLN B 43 13.04 -3.54 6.37
N GLU B 44 14.08 -3.37 7.18
CA GLU B 44 14.85 -4.50 7.71
C GLU B 44 15.30 -5.44 6.59
N GLY B 45 15.74 -4.88 5.47
CA GLY B 45 16.24 -5.65 4.35
C GLY B 45 15.19 -6.33 3.48
N VAL B 46 13.91 -6.24 3.85
CA VAL B 46 12.79 -6.86 3.13
C VAL B 46 11.98 -5.78 2.43
N PHE B 47 11.57 -6.06 1.18
CA PHE B 47 10.75 -5.14 0.39
C PHE B 47 9.31 -5.63 0.35
N HIS B 48 8.40 -4.83 0.91
CA HIS B 48 6.98 -5.15 1.03
C HIS B 48 6.17 -4.34 0.02
N THR B 49 5.51 -5.02 -0.91
CA THR B 49 4.52 -4.35 -1.73
C THR B 49 3.26 -5.21 -1.80
N MET B 50 2.39 -4.88 -2.74
CA MET B 50 1.12 -5.57 -2.96
C MET B 50 1.20 -6.48 -4.18
N TRP B 51 0.54 -7.63 -4.06
CA TRP B 51 0.69 -8.69 -5.05
C TRP B 51 0.27 -8.26 -6.45
N HIS B 52 -0.74 -7.39 -6.56
CA HIS B 52 -1.19 -7.06 -7.91
C HIS B 52 -0.24 -6.09 -8.61
N VAL B 53 0.67 -5.47 -7.87
CA VAL B 53 1.67 -4.59 -8.45
C VAL B 53 2.65 -5.39 -9.29
N THR B 54 3.27 -6.40 -8.68
CA THR B 54 4.32 -7.19 -9.32
C THR B 54 3.89 -8.57 -9.76
N LYS B 55 2.68 -9.01 -9.39
CA LYS B 55 2.21 -10.38 -9.64
C LYS B 55 3.26 -11.43 -9.25
N GLY B 56 4.06 -11.11 -8.23
CA GLY B 56 5.09 -11.99 -7.74
C GLY B 56 6.42 -11.91 -8.48
N ALA B 57 6.47 -11.27 -9.64
CA ALA B 57 7.68 -11.27 -10.44
C ALA B 57 8.84 -10.65 -9.67
N ALA B 58 10.05 -10.95 -10.11
CA ALA B 58 11.22 -10.43 -9.43
C ALA B 58 11.54 -9.02 -9.90
N LEU B 59 12.24 -8.29 -9.05
CA LEU B 59 12.51 -6.88 -9.25
C LEU B 59 14.00 -6.65 -9.24
N ARG B 60 14.40 -5.48 -9.73
CA ARG B 60 15.80 -5.09 -9.73
C ARG B 60 15.95 -3.79 -8.94
N SER B 61 17.11 -3.65 -8.31
CA SER B 61 17.50 -2.40 -7.62
C SER B 61 18.96 -2.14 -8.00
N GLY B 62 19.15 -1.40 -9.09
CA GLY B 62 20.49 -1.05 -9.53
C GLY B 62 21.22 -2.27 -10.02
N GLU B 63 22.27 -2.68 -9.29
CA GLU B 63 22.99 -3.89 -9.66
C GLU B 63 22.20 -5.14 -9.27
N GLY B 64 21.53 -5.10 -8.12
CA GLY B 64 21.00 -6.30 -7.51
C GLY B 64 19.79 -6.88 -8.24
N ARG B 65 19.22 -7.89 -7.60
CA ARG B 65 17.94 -8.45 -8.02
C ARG B 65 17.24 -8.98 -6.78
N LEU B 66 16.07 -8.40 -6.47
CA LEU B 66 15.24 -8.83 -5.36
C LEU B 66 14.32 -9.94 -5.84
N ASP B 67 14.36 -11.09 -5.16
CA ASP B 67 13.48 -12.19 -5.53
C ASP B 67 12.39 -12.38 -4.48
N PRO B 68 11.20 -12.82 -4.89
CA PRO B 68 10.10 -12.90 -3.92
C PRO B 68 10.37 -13.98 -2.88
N TYR B 69 9.90 -13.73 -1.66
CA TYR B 69 10.12 -14.63 -0.53
C TYR B 69 8.82 -15.24 -0.04
N TRP B 70 7.81 -14.41 0.21
CA TRP B 70 6.48 -14.83 0.62
C TRP B 70 5.43 -14.03 -0.15
N GLY B 71 4.27 -14.63 -0.38
CA GLY B 71 3.18 -13.93 -1.03
C GLY B 71 1.87 -14.64 -0.83
N ASP B 72 0.76 -13.91 -1.04
CA ASP B 72 -0.58 -14.47 -0.82
C ASP B 72 -1.59 -13.65 -1.63
N VAL B 73 -2.13 -14.24 -2.70
CA VAL B 73 -3.07 -13.53 -3.58
C VAL B 73 -4.33 -13.12 -2.82
N LYS B 74 -4.77 -13.89 -1.83
CA LYS B 74 -5.97 -13.47 -1.10
C LYS B 74 -5.70 -12.22 -0.27
N GLN B 75 -4.53 -12.13 0.36
CA GLN B 75 -4.17 -10.93 1.10
C GLN B 75 -3.72 -9.78 0.20
N ASP B 76 -3.36 -10.09 -1.05
CA ASP B 76 -2.79 -9.13 -2.00
C ASP B 76 -1.50 -8.53 -1.46
N LEU B 77 -0.64 -9.39 -0.90
CA LEU B 77 0.65 -8.99 -0.36
C LEU B 77 1.77 -9.86 -0.91
N VAL B 78 2.97 -9.29 -0.99
CA VAL B 78 4.18 -10.04 -1.31
C VAL B 78 5.38 -9.32 -0.71
N SER B 79 6.34 -10.10 -0.19
CA SER B 79 7.60 -9.56 0.32
C SER B 79 8.78 -10.20 -0.40
N TYR B 80 9.86 -9.43 -0.52
CA TYR B 80 11.05 -9.79 -1.28
C TYR B 80 12.25 -9.83 -0.34
N CYS B 81 13.12 -10.82 -0.53
CA CYS B 81 14.38 -11.00 0.21
C CYS B 81 14.18 -11.36 1.68
N GLY B 82 12.96 -11.58 2.14
CA GLY B 82 12.77 -12.05 3.49
C GLY B 82 11.32 -12.10 3.89
N PRO B 83 11.04 -12.51 5.12
CA PRO B 83 9.65 -12.55 5.60
C PRO B 83 9.09 -11.16 5.86
N TRP B 84 7.75 -11.08 5.80
CA TRP B 84 7.04 -9.85 6.10
C TRP B 84 7.45 -9.31 7.47
N LYS B 85 7.85 -8.04 7.51
CA LYS B 85 8.39 -7.43 8.73
C LYS B 85 7.46 -6.41 9.39
N LEU B 86 6.35 -6.04 8.74
CA LEU B 86 5.51 -4.93 9.18
C LEU B 86 4.37 -5.47 10.02
N ASP B 87 4.34 -5.10 11.31
CA ASP B 87 3.41 -5.68 12.27
C ASP B 87 2.65 -4.65 13.10
N ALA B 88 2.63 -3.38 12.67
CA ALA B 88 1.88 -2.37 13.38
C ALA B 88 0.45 -2.36 12.87
N ALA B 89 -0.47 -2.01 13.76
CA ALA B 89 -1.87 -1.95 13.37
C ALA B 89 -2.48 -0.64 13.84
N TRP B 90 -3.45 -0.17 13.07
CA TRP B 90 -4.37 0.85 13.54
C TRP B 90 -4.84 0.55 14.96
N ASP B 91 -4.52 1.46 15.90
CA ASP B 91 -5.22 1.44 17.19
C ASP B 91 -6.74 1.57 17.00
N GLY B 92 -7.17 2.05 15.83
CA GLY B 92 -8.51 2.38 15.51
C GLY B 92 -8.71 3.87 15.72
N LEU B 93 -8.59 4.37 16.97
CA LEU B 93 -9.05 5.73 17.34
C LEU B 93 -8.42 6.85 16.48
N SER B 94 -7.11 7.04 16.56
CA SER B 94 -6.41 8.17 15.90
C SER B 94 -6.56 8.19 14.38
N GLU B 95 -6.24 9.35 13.77
CA GLU B 95 -6.09 9.43 12.32
C GLU B 95 -4.74 8.80 11.90
N VAL B 96 -4.56 8.68 10.60
CA VAL B 96 -3.38 8.06 10.02
C VAL B 96 -3.03 8.85 8.78
N GLN B 97 -1.82 8.65 8.28
CA GLN B 97 -1.38 9.33 7.08
C GLN B 97 -1.08 8.32 5.99
N LEU B 98 -1.53 8.62 4.77
CA LEU B 98 -1.21 7.82 3.60
C LEU B 98 -0.06 8.50 2.87
N LEU B 99 1.09 7.83 2.81
CA LEU B 99 2.23 8.41 2.12
C LEU B 99 2.11 8.02 0.65
N ALA B 100 1.33 8.83 -0.07
CA ALA B 100 1.03 8.54 -1.46
C ALA B 100 2.22 8.88 -2.33
N VAL B 101 2.61 7.92 -3.17
CA VAL B 101 3.68 8.12 -4.14
C VAL B 101 3.06 7.96 -5.52
N PRO B 102 2.44 8.99 -6.07
CA PRO B 102 1.70 8.86 -7.32
C PRO B 102 2.70 8.82 -8.51
N PRO B 103 2.34 8.15 -9.60
CA PRO B 103 3.26 8.14 -10.76
C PRO B 103 3.55 9.55 -11.26
N GLY B 104 4.84 9.80 -11.54
CA GLY B 104 5.31 11.08 -12.01
C GLY B 104 5.35 12.19 -10.98
N GLU B 105 4.91 11.91 -9.75
CA GLU B 105 4.71 12.95 -8.77
C GLU B 105 5.43 12.61 -7.47
N ARG B 106 5.69 13.66 -6.73
CA ARG B 106 6.16 13.64 -5.37
C ARG B 106 5.36 12.78 -4.39
N ALA B 107 6.11 12.05 -3.56
CA ALA B 107 5.57 11.54 -2.30
C ALA B 107 4.94 12.68 -1.49
N LYS B 108 3.69 12.49 -1.05
CA LYS B 108 2.89 13.47 -0.32
C LYS B 108 2.14 12.77 0.81
N ASN B 109 2.14 13.37 2.00
CA ASN B 109 1.43 12.77 3.14
C ASN B 109 -0.01 13.28 3.21
N ILE B 110 -0.96 12.37 3.44
CA ILE B 110 -2.38 12.72 3.47
C ILE B 110 -2.97 12.16 4.75
N GLN B 111 -3.36 13.04 5.64
CA GLN B 111 -3.97 12.66 6.90
C GLN B 111 -5.46 12.41 6.72
N THR B 112 -5.96 11.39 7.40
CA THR B 112 -7.37 11.02 7.32
C THR B 112 -7.70 10.16 8.52
N LEU B 113 -8.99 10.05 8.80
CA LEU B 113 -9.48 9.15 9.83
C LEU B 113 -10.13 7.96 9.14
N PRO B 114 -9.61 6.76 9.34
CA PRO B 114 -10.09 5.63 8.55
C PRO B 114 -11.51 5.20 8.93
N GLY B 115 -12.20 4.67 7.94
CA GLY B 115 -13.44 3.95 8.14
C GLY B 115 -13.20 2.47 8.36
N ILE B 116 -14.18 1.65 7.99
CA ILE B 116 -14.20 0.25 8.37
C ILE B 116 -14.72 -0.61 7.21
N PHE B 117 -13.91 -1.55 6.76
CA PHE B 117 -14.44 -2.70 6.03
C PHE B 117 -14.93 -3.72 7.04
N LYS B 118 -16.24 -3.95 7.08
CA LYS B 118 -16.81 -5.01 7.91
C LYS B 118 -16.85 -6.29 7.07
N THR B 119 -16.07 -7.32 7.48
CA THR B 119 -16.05 -8.63 6.85
C THR B 119 -16.65 -9.67 7.78
N LYS B 120 -16.66 -10.93 7.31
CA LYS B 120 -17.14 -12.04 8.13
C LYS B 120 -16.12 -12.44 9.18
N ASP B 121 -14.84 -12.19 8.91
CA ASP B 121 -13.75 -12.61 9.78
C ASP B 121 -13.24 -11.50 10.69
N GLY B 122 -13.91 -10.35 10.69
CA GLY B 122 -13.45 -9.22 11.49
C GLY B 122 -13.59 -7.91 10.75
N ASP B 123 -13.14 -6.82 11.36
CA ASP B 123 -13.14 -5.51 10.70
C ASP B 123 -11.73 -5.11 10.33
N ILE B 124 -11.61 -4.39 9.21
CA ILE B 124 -10.36 -3.84 8.70
C ILE B 124 -10.53 -2.33 8.61
N GLY B 125 -9.44 -1.61 8.85
CA GLY B 125 -9.46 -0.18 8.60
C GLY B 125 -9.51 0.11 7.12
N ALA B 126 -10.03 1.28 6.77
CA ALA B 126 -10.15 1.63 5.36
C ALA B 126 -9.94 3.12 5.20
N VAL B 127 -9.26 3.54 4.13
CA VAL B 127 -9.03 4.96 3.89
C VAL B 127 -9.80 5.37 2.64
N ALA B 128 -10.53 6.48 2.74
CA ALA B 128 -11.35 6.94 1.63
C ALA B 128 -10.57 7.99 0.84
N LEU B 129 -9.60 7.47 0.08
CA LEU B 129 -8.62 8.29 -0.63
C LEU B 129 -8.45 7.71 -2.03
N ASP B 130 -8.69 8.54 -3.05
CA ASP B 130 -8.62 8.11 -4.44
C ASP B 130 -7.35 8.68 -5.08
N TYR B 131 -6.54 7.80 -5.67
CA TYR B 131 -5.27 8.14 -6.29
C TYR B 131 -5.08 7.21 -7.50
N PRO B 132 -4.30 7.67 -8.47
CA PRO B 132 -4.14 6.87 -9.70
C PRO B 132 -3.66 5.45 -9.41
N ALA B 133 -3.94 4.55 -10.37
CA ALA B 133 -3.73 3.14 -10.13
C ALA B 133 -2.30 2.81 -9.74
N GLY B 134 -1.32 3.52 -10.29
CA GLY B 134 0.06 3.17 -9.97
C GLY B 134 0.53 3.64 -8.60
N THR B 135 -0.38 4.11 -7.74
CA THR B 135 -0.07 4.45 -6.36
C THR B 135 -0.20 3.24 -5.44
N SER B 136 -0.64 2.10 -5.98
CA SER B 136 -0.87 0.92 -5.15
C SER B 136 0.40 0.50 -4.42
N GLY B 137 0.24 0.16 -3.14
CA GLY B 137 1.34 -0.23 -2.29
C GLY B 137 1.92 0.90 -1.47
N SER B 138 1.40 2.10 -1.60
CA SER B 138 1.90 3.19 -0.77
C SER B 138 1.55 2.92 0.70
N PRO B 139 2.47 3.18 1.63
CA PRO B 139 2.24 2.85 3.03
C PRO B 139 1.30 3.84 3.74
N ILE B 140 0.77 3.36 4.87
CA ILE B 140 -0.13 4.12 5.72
C ILE B 140 0.46 4.09 7.13
N LEU B 141 0.62 5.29 7.72
CA LEU B 141 1.41 5.47 8.94
C LEU B 141 0.54 5.86 10.12
N ASP B 142 0.97 5.44 11.30
CA ASP B 142 0.40 5.99 12.52
C ASP B 142 1.25 7.18 13.00
N LYS B 143 0.68 7.96 13.92
CA LYS B 143 1.33 9.20 14.35
C LYS B 143 2.73 8.99 14.91
N CYS B 144 3.12 7.75 15.22
CA CYS B 144 4.48 7.47 15.71
C CYS B 144 5.39 6.95 14.61
N GLY B 145 4.90 6.88 13.36
CA GLY B 145 5.74 6.58 12.23
C GLY B 145 5.73 5.14 11.73
N ARG B 146 5.20 4.19 12.52
CA ARG B 146 5.11 2.81 12.07
C ARG B 146 4.22 2.66 10.85
N VAL B 147 4.62 1.78 9.92
CA VAL B 147 3.77 1.45 8.77
C VAL B 147 2.71 0.44 9.21
N ILE B 148 1.44 0.83 9.11
CA ILE B 148 0.35 -0.03 9.55
C ILE B 148 -0.37 -0.73 8.40
N GLY B 149 0.04 -0.53 7.17
CA GLY B 149 -0.67 -1.16 6.06
C GLY B 149 -0.31 -0.54 4.73
N LEU B 150 -0.87 -1.14 3.68
CA LEU B 150 -0.56 -0.77 2.31
C LEU B 150 -1.84 -0.40 1.58
N TYR B 151 -1.79 0.73 0.88
CA TYR B 151 -2.92 1.27 0.13
C TYR B 151 -3.03 0.55 -1.21
N GLY B 152 -4.27 0.32 -1.66
CA GLY B 152 -4.40 -0.16 -3.02
C GLY B 152 -5.40 -1.24 -3.31
N ASN B 153 -5.83 -2.00 -2.28
CA ASN B 153 -6.86 -3.02 -2.44
C ASN B 153 -8.13 -2.54 -1.76
N GLY B 154 -9.17 -2.28 -2.56
CA GLY B 154 -10.38 -1.72 -2.03
C GLY B 154 -11.57 -1.85 -2.97
N VAL B 155 -12.56 -0.97 -2.75
CA VAL B 155 -13.85 -1.06 -3.42
C VAL B 155 -14.19 0.26 -4.09
N VAL B 156 -15.23 0.21 -4.92
CA VAL B 156 -15.84 1.41 -5.49
C VAL B 156 -17.23 1.57 -4.89
N ILE B 157 -17.56 2.80 -4.50
CA ILE B 157 -18.77 3.08 -3.73
C ILE B 157 -19.85 3.63 -4.65
N LYS B 158 -21.03 3.94 -4.09
CA LYS B 158 -22.09 4.55 -4.89
C LYS B 158 -21.61 5.82 -5.59
N ASN B 159 -20.90 6.69 -4.85
CA ASN B 159 -20.43 7.96 -5.37
C ASN B 159 -19.47 7.81 -6.54
N GLY B 160 -18.84 6.65 -6.70
CA GLY B 160 -17.98 6.35 -7.84
C GLY B 160 -16.49 6.36 -7.51
N SER B 161 -16.10 7.04 -6.43
CA SER B 161 -14.69 7.12 -6.07
C SER B 161 -14.33 5.93 -5.16
N TYR B 162 -13.14 5.99 -4.57
CA TYR B 162 -12.43 4.82 -4.10
C TYR B 162 -12.39 4.75 -2.57
N VAL B 163 -12.42 3.51 -2.04
CA VAL B 163 -12.12 3.23 -0.64
C VAL B 163 -11.15 2.05 -0.59
N SER B 164 -10.00 2.27 0.02
CA SER B 164 -8.97 1.24 0.11
C SER B 164 -8.90 0.71 1.53
N ALA B 165 -8.64 -0.59 1.63
CA ALA B 165 -8.37 -1.21 2.91
C ALA B 165 -6.99 -0.82 3.39
N ILE B 166 -6.82 -0.84 4.71
CA ILE B 166 -5.49 -0.76 5.32
C ILE B 166 -5.03 -2.20 5.44
N THR B 167 -4.32 -2.67 4.40
CA THR B 167 -3.89 -4.06 4.27
C THR B 167 -2.55 -4.25 4.96
N GLN B 168 -2.54 -5.10 6.00
CA GLN B 168 -1.33 -5.45 6.74
C GLN B 168 -1.07 -6.95 6.68
N GLY B 169 0.20 -7.34 6.77
CA GLY B 169 0.58 -8.72 6.88
C GLY B 169 0.62 -9.22 8.33
N LYS B 170 1.00 -10.49 8.47
CA LYS B 170 1.17 -11.11 9.79
C LYS B 170 2.63 -11.46 10.06
#